data_6GMB
#
_entry.id   6GMB
#
_cell.length_a   97.431
_cell.length_b   97.431
_cell.length_c   80.364
_cell.angle_alpha   90.000
_cell.angle_beta   90.000
_cell.angle_gamma   90.000
#
_symmetry.space_group_name_H-M   'I 4'
#
loop_
_entity.id
_entity.type
_entity.pdbx_description
1 polymer 'Hydroxyacid oxidase 1'
2 non-polymer 1,2-ETHANEDIOL
3 non-polymer 'TETRAETHYLENE GLYCOL'
4 non-polymer 'FLAVIN MONONUCLEOTIDE'
5 non-polymer 'GLYCOLIC ACID'
6 water water
#
_entity_poly.entity_id   1
_entity_poly.type   'polypeptide(L)'
_entity_poly.pdbx_seq_one_letter_code
;MLPRLICINDYEQHAKSVLPKSIYDYYRSGANDEETLADNIAAFSRWKLYPRMLRNVAETDLSTSVLGQRVSMPICVGAT
AMQRMAHVDGELATVRACQSLGTGMMLSSWATSSIEEVAEAGPEALRWLQLYIYKDREVTKKLVRQAEKMGYKAIFVTVD
TPYLGNRLDDVRNRFKLPPQLRMKNFETSTLSFSPEENFGDDSGLAAYVAKAIDPSISWEDIKWLRRLTSLPIVAKGILR
GDDAREAVKHGLNGILVSNHGARQLDGVPATIDVLPEIVEAVEGKVEVFLDGGVRKGTDVLKALALGAKAVFVGRPIVWG
LAFQGEKGVQDVLEILKEEFRLAMALSGCQNVKVIDKTLVRK
;
_entity_poly.pdbx_strand_id   A
#
loop_
_chem_comp.id
_chem_comp.type
_chem_comp.name
_chem_comp.formula
EDO non-polymer 1,2-ETHANEDIOL 'C2 H6 O2'
FMN non-polymer 'FLAVIN MONONUCLEOTIDE' 'C17 H21 N4 O9 P'
GOA non-polymer 'GLYCOLIC ACID' 'C2 H4 O3'
PG4 non-polymer 'TETRAETHYLENE GLYCOL' 'C8 H18 O5'
#
# COMPACT_ATOMS: atom_id res chain seq x y z
N MET A 1 21.62 11.83 20.02
CA MET A 1 23.01 11.23 20.07
C MET A 1 23.00 9.84 19.41
N LEU A 2 22.01 9.02 19.79
CA LEU A 2 21.73 7.67 19.26
C LEU A 2 20.25 7.63 18.92
N PRO A 3 19.81 7.15 17.72
CA PRO A 3 18.38 7.18 17.40
C PRO A 3 17.52 6.45 18.45
N ARG A 4 16.51 7.17 18.94
CA ARG A 4 15.46 6.61 19.79
C ARG A 4 14.12 6.91 19.11
N LEU A 5 13.68 5.96 18.28
CA LEU A 5 12.56 6.16 17.38
C LEU A 5 11.37 5.38 17.94
N ILE A 6 10.31 6.09 18.32
CA ILE A 6 9.24 5.47 19.11
C ILE A 6 7.87 5.59 18.43
N CYS A 7 7.81 6.24 17.28
CA CYS A 7 6.58 6.37 16.51
C CYS A 7 6.96 6.48 15.04
N ILE A 8 5.97 6.37 14.15
CA ILE A 8 6.26 6.35 12.73
C ILE A 8 6.87 7.69 12.28
N ASN A 9 6.41 8.81 12.83
CA ASN A 9 6.96 10.10 12.44
C ASN A 9 8.47 10.17 12.73
N ASP A 10 8.91 9.56 13.82
CA ASP A 10 10.33 9.54 14.15
C ASP A 10 11.13 8.82 13.04
N TYR A 11 10.57 7.72 12.52
CA TYR A 11 11.23 6.98 11.43
C TYR A 11 11.34 7.86 10.18
N GLU A 12 10.31 8.65 9.87
CA GLU A 12 10.41 9.53 8.72
C GLU A 12 11.52 10.57 8.93
N GLN A 13 11.57 11.16 10.14
CA GLN A 13 12.56 12.19 10.42
C GLN A 13 13.98 11.60 10.26
N HIS A 14 14.17 10.37 10.75
CA HIS A 14 15.44 9.70 10.61
C HIS A 14 15.77 9.48 9.12
N ALA A 15 14.78 9.00 8.36
CA ALA A 15 14.97 8.73 6.94
C ALA A 15 15.43 9.99 6.21
N LYS A 16 14.80 11.13 6.51
CA LYS A 16 15.16 12.39 5.87
C LYS A 16 16.62 12.73 6.16
N SER A 17 17.11 12.36 7.35
CA SER A 17 18.46 12.69 7.77
C SER A 17 19.51 11.79 7.09
N VAL A 18 19.13 10.61 6.59
CA VAL A 18 20.13 9.65 6.07
C VAL A 18 20.00 9.42 4.56
N LEU A 19 18.82 9.65 3.97
CA LEU A 19 18.63 9.34 2.54
C LEU A 19 19.12 10.49 1.68
N PRO A 20 19.66 10.23 0.47
CA PRO A 20 19.89 11.29 -0.51
C PRO A 20 18.58 12.04 -0.77
N LYS A 21 18.68 13.35 -0.97
CA LYS A 21 17.51 14.20 -1.13
C LYS A 21 16.56 13.65 -2.20
N SER A 22 17.10 13.26 -3.36
CA SER A 22 16.23 12.85 -4.47
C SER A 22 15.41 11.61 -4.09
N ILE A 23 16.00 10.74 -3.28
CA ILE A 23 15.34 9.49 -2.89
C ILE A 23 14.28 9.79 -1.81
N TYR A 24 14.65 10.56 -0.79
CA TYR A 24 13.67 10.96 0.21
C TYR A 24 12.49 11.67 -0.47
N ASP A 25 12.79 12.60 -1.38
CA ASP A 25 11.73 13.39 -2.02
C ASP A 25 10.81 12.49 -2.84
N TYR A 26 11.38 11.51 -3.56
CA TYR A 26 10.59 10.57 -4.33
C TYR A 26 9.60 9.84 -3.43
N TYR A 27 10.07 9.35 -2.28
CA TYR A 27 9.23 8.58 -1.38
C TYR A 27 8.20 9.47 -0.68
N ARG A 28 8.58 10.70 -0.30
CA ARG A 28 7.72 11.56 0.50
C ARG A 28 6.61 12.19 -0.34
N SER A 29 6.92 12.53 -1.60
CA SER A 29 6.12 13.46 -2.38
C SER A 29 4.68 12.98 -2.59
N GLY A 30 3.80 13.97 -2.72
CA GLY A 30 2.52 13.82 -3.36
C GLY A 30 2.49 14.56 -4.69
N ALA A 31 1.33 14.58 -5.33
CA ALA A 31 1.12 15.27 -6.60
C ALA A 31 0.89 16.76 -6.38
N ASN A 32 1.49 17.55 -7.29
CA ASN A 32 1.19 18.97 -7.42
C ASN A 32 1.37 19.67 -6.07
N ASP A 33 0.36 20.42 -5.60
CA ASP A 33 0.50 21.19 -4.36
C ASP A 33 0.27 20.35 -3.09
N GLU A 34 0.06 19.04 -3.24
CA GLU A 34 0.04 18.11 -2.10
C GLU A 34 -1.11 18.41 -1.15
N GLU A 35 -2.25 18.83 -1.71
CA GLU A 35 -3.45 19.07 -0.90
CA GLU A 35 -3.45 19.07 -0.90
C GLU A 35 -3.99 17.75 -0.34
N THR A 36 -4.08 16.73 -1.20
CA THR A 36 -4.58 15.43 -0.76
C THR A 36 -3.59 14.78 0.22
N LEU A 37 -2.28 14.99 0.00
CA LEU A 37 -1.28 14.41 0.88
C LEU A 37 -1.51 14.88 2.31
N ALA A 38 -1.74 16.19 2.49
CA ALA A 38 -2.02 16.73 3.82
C ALA A 38 -3.35 16.17 4.35
N ASP A 39 -4.35 16.07 3.47
CA ASP A 39 -5.70 15.68 3.89
C ASP A 39 -5.75 14.20 4.30
N ASN A 40 -4.94 13.34 3.68
CA ASN A 40 -4.98 11.92 4.06
C ASN A 40 -4.71 11.78 5.56
N ILE A 41 -3.84 12.63 6.10
CA ILE A 41 -3.53 12.63 7.53
CA ILE A 41 -3.48 12.69 7.54
C ILE A 41 -4.57 13.45 8.31
N ALA A 42 -4.88 14.67 7.85
CA ALA A 42 -5.77 15.56 8.59
C ALA A 42 -7.16 14.94 8.75
N ALA A 43 -7.62 14.21 7.73
CA ALA A 43 -8.96 13.64 7.75
C ALA A 43 -9.10 12.64 8.90
N PHE A 44 -8.05 11.86 9.19
CA PHE A 44 -8.14 10.92 10.31
C PHE A 44 -8.42 11.67 11.61
N SER A 45 -7.83 12.85 11.77
CA SER A 45 -7.95 13.61 13.00
CA SER A 45 -7.95 13.59 13.01
C SER A 45 -9.39 14.11 13.20
N ARG A 46 -10.14 14.28 12.10
CA ARG A 46 -11.50 14.82 12.19
C ARG A 46 -12.50 13.75 12.64
N TRP A 47 -12.16 12.47 12.43
CA TRP A 47 -12.98 11.38 12.92
C TRP A 47 -12.65 11.15 14.40
N LYS A 48 -13.63 11.38 15.27
CA LYS A 48 -13.41 11.28 16.70
C LYS A 48 -13.87 9.91 17.21
N LEU A 49 -13.18 9.44 18.25
CA LEU A 49 -13.43 8.14 18.87
C LEU A 49 -14.31 8.29 20.11
N TYR A 50 -15.23 7.33 20.26
CA TYR A 50 -16.19 7.28 21.34
C TYR A 50 -16.00 5.95 22.08
N PRO A 51 -14.99 5.86 22.95
CA PRO A 51 -14.62 4.58 23.55
C PRO A 51 -15.64 4.08 24.57
N ARG A 52 -15.82 2.76 24.59
CA ARG A 52 -16.59 2.09 25.64
C ARG A 52 -15.67 1.69 26.77
N MET A 53 -16.14 1.90 28.00
CA MET A 53 -15.39 1.60 29.19
C MET A 53 -15.84 0.25 29.77
N LEU A 54 -14.94 -0.37 30.53
CA LEU A 54 -15.27 -1.51 31.38
C LEU A 54 -15.73 -2.72 30.56
N ARG A 55 -15.00 -3.03 29.48
CA ARG A 55 -15.40 -4.11 28.55
CA ARG A 55 -15.40 -4.10 28.56
C ARG A 55 -14.60 -5.40 28.75
N ASN A 56 -13.56 -5.37 29.58
CA ASN A 56 -12.59 -6.49 29.77
C ASN A 56 -11.72 -6.63 28.52
N VAL A 57 -10.56 -5.97 28.56
CA VAL A 57 -9.63 -5.95 27.43
C VAL A 57 -8.28 -6.55 27.85
N ALA A 58 -8.29 -7.53 28.77
CA ALA A 58 -7.06 -8.21 29.22
C ALA A 58 -6.47 -9.06 28.10
N GLU A 59 -7.35 -9.57 27.25
CA GLU A 59 -6.97 -10.39 26.14
C GLU A 59 -7.50 -9.62 24.93
N THR A 60 -6.56 -9.03 24.22
CA THR A 60 -6.84 -8.46 22.93
C THR A 60 -6.30 -9.41 21.85
N ASP A 61 -7.13 -9.60 20.83
CA ASP A 61 -6.81 -10.45 19.71
C ASP A 61 -6.88 -9.57 18.46
N LEU A 62 -5.74 -9.34 17.81
CA LEU A 62 -5.68 -8.45 16.65
C LEU A 62 -5.86 -9.22 15.34
N SER A 63 -5.96 -10.55 15.40
CA SER A 63 -5.93 -11.34 14.18
C SER A 63 -7.19 -11.12 13.33
N THR A 64 -7.03 -11.29 12.03
CA THR A 64 -8.14 -11.19 11.10
C THR A 64 -7.76 -12.01 9.86
N SER A 65 -8.45 -11.74 8.75
CA SER A 65 -8.10 -12.38 7.50
C SER A 65 -8.24 -11.36 6.36
N VAL A 66 -7.49 -11.62 5.31
CA VAL A 66 -7.51 -10.82 4.10
C VAL A 66 -7.72 -11.80 2.95
N LEU A 67 -8.87 -11.68 2.27
CA LEU A 67 -9.21 -12.53 1.12
C LEU A 67 -9.02 -14.02 1.48
N GLY A 68 -9.39 -14.38 2.71
CA GLY A 68 -9.43 -15.77 3.14
C GLY A 68 -8.16 -16.26 3.82
N GLN A 69 -7.10 -15.44 3.86
CA GLN A 69 -5.84 -15.82 4.46
CA GLN A 69 -5.81 -15.80 4.45
C GLN A 69 -5.68 -15.10 5.80
N ARG A 70 -5.34 -15.87 6.83
CA ARG A 70 -5.21 -15.33 8.16
C ARG A 70 -3.99 -14.41 8.23
N VAL A 71 -4.13 -13.30 8.96
CA VAL A 71 -3.04 -12.39 9.28
C VAL A 71 -3.09 -12.08 10.79
N SER A 72 -1.94 -11.68 11.33
CA SER A 72 -1.80 -11.42 12.76
C SER A 72 -2.47 -10.10 13.18
N MET A 73 -2.74 -9.22 12.22
CA MET A 73 -3.26 -7.89 12.51
C MET A 73 -3.82 -7.32 11.22
N PRO A 74 -4.77 -6.36 11.29
CA PRO A 74 -5.37 -5.80 10.08
C PRO A 74 -4.53 -4.67 9.48
N ILE A 75 -3.22 -4.89 9.43
CA ILE A 75 -2.23 -3.91 9.03
C ILE A 75 -1.25 -4.66 8.15
N CYS A 76 -1.22 -4.29 6.87
CA CYS A 76 -0.45 -5.01 5.87
C CYS A 76 0.45 -4.03 5.11
N VAL A 77 1.45 -4.56 4.42
CA VAL A 77 2.40 -3.74 3.69
C VAL A 77 1.88 -3.51 2.28
N GLY A 78 1.71 -2.23 1.92
CA GLY A 78 1.28 -1.85 0.58
C GLY A 78 2.46 -1.76 -0.37
N ALA A 79 2.15 -1.80 -1.68
CA ALA A 79 3.18 -1.72 -2.72
C ALA A 79 3.83 -0.35 -2.70
N THR A 80 5.16 -0.34 -2.56
CA THR A 80 5.95 0.86 -2.77
C THR A 80 7.13 0.49 -3.65
N ALA A 81 7.23 1.14 -4.81
CA ALA A 81 8.22 0.80 -5.80
C ALA A 81 9.65 1.01 -5.28
N MET A 82 10.57 0.22 -5.83
CA MET A 82 12.01 0.53 -5.84
C MET A 82 12.55 0.69 -4.41
N GLN A 83 12.31 -0.32 -3.57
CA GLN A 83 12.66 -0.26 -2.16
C GLN A 83 14.18 -0.35 -1.92
N ARG A 84 14.96 -0.86 -2.89
CA ARG A 84 16.41 -0.95 -2.69
C ARG A 84 17.06 0.44 -2.69
N MET A 85 16.33 1.50 -3.08
CA MET A 85 16.86 2.85 -2.91
C MET A 85 16.99 3.22 -1.43
N ALA A 86 16.13 2.63 -0.57
CA ALA A 86 16.07 2.96 0.86
C ALA A 86 17.08 2.12 1.65
N HIS A 87 17.31 0.88 1.20
CA HIS A 87 18.19 -0.06 1.88
C HIS A 87 18.62 -1.11 0.88
N VAL A 88 19.88 -1.56 0.99
CA VAL A 88 20.47 -2.47 0.01
CA VAL A 88 20.47 -2.48 0.02
C VAL A 88 19.58 -3.71 -0.18
N ASP A 89 18.92 -4.17 0.90
CA ASP A 89 18.13 -5.42 0.84
C ASP A 89 16.70 -5.18 0.33
N GLY A 90 16.23 -3.92 0.33
CA GLY A 90 14.92 -3.54 -0.23
C GLY A 90 13.80 -4.53 0.09
N GLU A 91 13.17 -5.03 -0.97
CA GLU A 91 11.97 -5.85 -0.86
C GLU A 91 12.23 -7.17 -0.13
N LEU A 92 13.47 -7.68 -0.17
CA LEU A 92 13.80 -8.91 0.53
C LEU A 92 13.74 -8.68 2.05
N ALA A 93 14.25 -7.53 2.50
CA ALA A 93 14.11 -7.14 3.90
C ALA A 93 12.63 -7.03 4.30
N THR A 94 11.83 -6.39 3.43
CA THR A 94 10.44 -6.16 3.75
C THR A 94 9.69 -7.48 3.90
N VAL A 95 9.92 -8.43 2.98
CA VAL A 95 9.14 -9.66 3.02
C VAL A 95 9.54 -10.50 4.25
N ARG A 96 10.81 -10.45 4.63
CA ARG A 96 11.27 -11.19 5.80
C ARG A 96 10.60 -10.62 7.06
N ALA A 97 10.46 -9.29 7.13
CA ALA A 97 9.80 -8.66 8.27
C ALA A 97 8.32 -9.06 8.32
N CYS A 98 7.67 -9.09 7.15
CA CYS A 98 6.28 -9.50 7.09
C CYS A 98 6.11 -10.95 7.57
N GLN A 99 7.04 -11.82 7.16
CA GLN A 99 7.02 -13.21 7.59
C GLN A 99 7.09 -13.28 9.12
N SER A 100 8.00 -12.52 9.72
CA SER A 100 8.17 -12.48 11.19
C SER A 100 6.90 -12.00 11.89
N LEU A 101 6.26 -10.97 11.33
CA LEU A 101 5.08 -10.34 11.95
C LEU A 101 3.82 -11.20 11.74
N GLY A 102 3.80 -12.05 10.71
CA GLY A 102 2.59 -12.77 10.36
C GLY A 102 1.58 -11.91 9.59
N THR A 103 2.06 -10.91 8.85
CA THR A 103 1.18 -10.12 8.00
C THR A 103 1.62 -10.25 6.54
N GLY A 104 0.82 -9.66 5.64
CA GLY A 104 1.03 -9.80 4.23
C GLY A 104 1.79 -8.63 3.62
N MET A 105 2.49 -8.94 2.52
CA MET A 105 3.20 -7.96 1.72
C MET A 105 2.64 -7.91 0.31
N MET A 106 2.26 -6.71 -0.12
CA MET A 106 1.90 -6.44 -1.50
C MET A 106 3.15 -5.97 -2.24
N LEU A 107 3.61 -6.75 -3.24
CA LEU A 107 4.82 -6.47 -3.99
C LEU A 107 4.49 -5.62 -5.23
N SER A 108 5.20 -4.49 -5.36
CA SER A 108 5.10 -3.62 -6.52
C SER A 108 5.58 -4.32 -7.79
N SER A 109 4.86 -4.08 -8.90
CA SER A 109 5.36 -4.45 -10.23
C SER A 109 6.71 -3.77 -10.52
N TRP A 110 6.95 -2.60 -9.90
CA TRP A 110 8.14 -1.78 -10.08
C TRP A 110 9.17 -2.04 -8.96
N ALA A 111 9.16 -3.25 -8.41
CA ALA A 111 10.10 -3.62 -7.38
C ALA A 111 11.53 -3.70 -7.94
N THR A 112 12.50 -3.40 -7.06
CA THR A 112 13.92 -3.59 -7.32
C THR A 112 14.40 -5.02 -6.96
N SER A 113 13.44 -5.92 -6.76
CA SER A 113 13.67 -7.35 -6.54
C SER A 113 12.60 -8.10 -7.35
N SER A 114 12.94 -9.28 -7.88
CA SER A 114 11.99 -10.00 -8.72
C SER A 114 10.95 -10.72 -7.85
N ILE A 115 9.83 -11.04 -8.49
CA ILE A 115 8.77 -11.87 -7.93
C ILE A 115 9.38 -13.14 -7.31
N GLU A 116 10.28 -13.80 -8.04
CA GLU A 116 10.88 -15.04 -7.57
C GLU A 116 11.81 -14.78 -6.37
N GLU A 117 12.64 -13.73 -6.45
CA GLU A 117 13.60 -13.40 -5.39
C GLU A 117 12.85 -13.15 -4.07
N VAL A 118 11.72 -12.45 -4.15
CA VAL A 118 10.93 -12.12 -2.97
C VAL A 118 10.30 -13.38 -2.39
N ALA A 119 9.80 -14.27 -3.25
CA ALA A 119 9.22 -15.55 -2.80
C ALA A 119 10.29 -16.40 -2.10
N GLU A 120 11.52 -16.39 -2.63
CA GLU A 120 12.61 -17.18 -2.05
C GLU A 120 13.00 -16.64 -0.67
N ALA A 121 12.94 -15.31 -0.51
CA ALA A 121 13.33 -14.66 0.75
C ALA A 121 12.24 -14.83 1.82
N GLY A 122 10.97 -14.89 1.40
CA GLY A 122 9.84 -15.00 2.32
C GLY A 122 8.90 -16.13 1.92
N PRO A 123 9.38 -17.39 1.88
CA PRO A 123 8.58 -18.48 1.35
C PRO A 123 7.26 -18.70 2.12
N GLU A 124 7.29 -18.46 3.43
CA GLU A 124 6.13 -18.68 4.30
C GLU A 124 5.33 -17.38 4.51
N ALA A 125 5.80 -16.27 3.95
CA ALA A 125 5.10 -15.00 4.07
C ALA A 125 3.87 -15.00 3.16
N LEU A 126 2.79 -14.38 3.64
CA LEU A 126 1.65 -14.05 2.81
C LEU A 126 2.06 -12.92 1.86
N ARG A 127 1.92 -13.17 0.56
CA ARG A 127 2.42 -12.28 -0.47
C ARG A 127 1.36 -12.10 -1.55
N TRP A 128 1.22 -10.86 -2.04
CA TRP A 128 0.34 -10.53 -3.15
C TRP A 128 1.13 -9.72 -4.15
N LEU A 129 0.67 -9.72 -5.41
CA LEU A 129 1.31 -8.92 -6.44
C LEU A 129 0.42 -7.72 -6.76
N GLN A 130 1.01 -6.53 -6.71
CA GLN A 130 0.40 -5.34 -7.30
C GLN A 130 0.78 -5.33 -8.78
N LEU A 131 -0.25 -5.20 -9.63
CA LEU A 131 -0.10 -5.29 -11.07
C LEU A 131 -0.44 -3.97 -11.74
N TYR A 132 0.47 -3.53 -12.61
CA TYR A 132 0.21 -2.53 -13.62
C TYR A 132 -0.05 -3.23 -14.94
N ILE A 133 -1.02 -2.72 -15.70
CA ILE A 133 -1.30 -3.20 -17.05
CA ILE A 133 -1.25 -3.24 -17.03
C ILE A 133 -0.34 -2.49 -18.02
N TYR A 134 0.66 -3.22 -18.50
CA TYR A 134 1.61 -2.73 -19.48
C TYR A 134 0.96 -2.73 -20.86
N LYS A 135 1.39 -1.81 -21.72
CA LYS A 135 0.98 -1.82 -23.13
C LYS A 135 1.23 -3.24 -23.69
N ASP A 136 2.38 -3.81 -23.35
CA ASP A 136 2.72 -5.17 -23.69
C ASP A 136 1.97 -6.12 -22.74
N ARG A 137 0.89 -6.75 -23.25
CA ARG A 137 0.07 -7.65 -22.43
C ARG A 137 0.79 -8.98 -22.19
N GLU A 138 1.81 -9.31 -22.99
CA GLU A 138 2.58 -10.53 -22.75
C GLU A 138 3.41 -10.34 -21.47
N VAL A 139 4.00 -9.15 -21.28
CA VAL A 139 4.73 -8.76 -20.04
C VAL A 139 3.77 -8.89 -18.85
N THR A 140 2.58 -8.33 -19.03
CA THR A 140 1.58 -8.27 -17.99
C THR A 140 1.21 -9.70 -17.56
N LYS A 141 0.93 -10.55 -18.55
CA LYS A 141 0.58 -11.94 -18.31
C LYS A 141 1.73 -12.68 -17.59
N LYS A 142 2.97 -12.42 -18.00
CA LYS A 142 4.13 -13.08 -17.38
C LYS A 142 4.20 -12.74 -15.89
N LEU A 143 3.94 -11.47 -15.55
CA LEU A 143 3.93 -11.07 -14.13
C LEU A 143 2.91 -11.89 -13.34
N VAL A 144 1.69 -12.00 -13.89
CA VAL A 144 0.60 -12.74 -13.25
C VAL A 144 0.97 -14.22 -13.12
N ARG A 145 1.49 -14.81 -14.19
CA ARG A 145 1.82 -16.23 -14.19
C ARG A 145 2.94 -16.53 -13.18
N GLN A 146 3.92 -15.62 -13.09
CA GLN A 146 5.03 -15.80 -12.13
CA GLN A 146 5.03 -15.76 -12.12
C GLN A 146 4.49 -15.68 -10.70
N ALA A 147 3.59 -14.74 -10.44
CA ALA A 147 2.97 -14.61 -9.13
C ALA A 147 2.24 -15.91 -8.76
N GLU A 148 1.47 -16.47 -9.69
CA GLU A 148 0.78 -17.74 -9.47
C GLU A 148 1.78 -18.83 -9.11
N LYS A 149 2.82 -18.97 -9.93
CA LYS A 149 3.80 -20.05 -9.81
C LYS A 149 4.55 -19.96 -8.47
N MET A 150 4.79 -18.72 -8.02
CA MET A 150 5.66 -18.45 -6.88
C MET A 150 4.87 -18.26 -5.58
N GLY A 151 3.58 -18.63 -5.57
CA GLY A 151 2.80 -18.76 -4.34
C GLY A 151 2.21 -17.46 -3.82
N TYR A 152 2.04 -16.47 -4.70
CA TYR A 152 1.34 -15.23 -4.35
C TYR A 152 -0.17 -15.52 -4.34
N LYS A 153 -0.92 -14.82 -3.47
CA LYS A 153 -2.28 -15.23 -3.15
C LYS A 153 -3.35 -14.27 -3.68
N ALA A 154 -2.95 -13.16 -4.31
CA ALA A 154 -3.91 -12.24 -4.92
C ALA A 154 -3.17 -11.29 -5.86
N ILE A 155 -3.94 -10.68 -6.75
CA ILE A 155 -3.51 -9.59 -7.61
C ILE A 155 -4.25 -8.33 -7.18
N PHE A 156 -3.49 -7.27 -6.90
CA PHE A 156 -4.04 -5.93 -6.69
C PHE A 156 -3.77 -5.15 -7.96
N VAL A 157 -4.80 -4.97 -8.79
CA VAL A 157 -4.60 -4.27 -10.06
C VAL A 157 -4.83 -2.77 -9.82
N THR A 158 -3.80 -1.98 -10.14
CA THR A 158 -3.85 -0.55 -9.93
C THR A 158 -4.62 0.08 -11.09
N VAL A 159 -5.65 0.88 -10.78
CA VAL A 159 -6.58 1.40 -11.79
C VAL A 159 -6.58 2.92 -11.86
N ASP A 160 -5.67 3.60 -11.14
CA ASP A 160 -5.67 5.06 -11.04
C ASP A 160 -4.44 5.71 -11.71
N THR A 161 -3.70 4.92 -12.51
CA THR A 161 -2.41 5.37 -13.06
C THR A 161 -2.34 5.11 -14.56
N PRO A 162 -3.25 5.67 -15.38
CA PRO A 162 -3.09 5.60 -16.83
C PRO A 162 -1.85 6.38 -17.29
N TYR A 163 -1.52 7.42 -16.52
CA TYR A 163 -0.30 8.21 -16.60
C TYR A 163 0.16 8.44 -15.16
N LEU A 164 1.43 8.80 -14.97
CA LEU A 164 1.89 9.14 -13.63
C LEU A 164 1.43 10.54 -13.25
N GLY A 165 1.09 10.70 -11.96
CA GLY A 165 0.89 12.01 -11.42
C GLY A 165 2.15 12.84 -11.52
N ASN A 166 1.97 14.16 -11.37
CA ASN A 166 3.02 15.15 -11.47
C ASN A 166 3.54 15.47 -10.07
N ARG A 167 4.63 14.82 -9.67
CA ARG A 167 5.26 15.05 -8.37
C ARG A 167 6.39 16.06 -8.60
N LEU A 168 6.20 17.28 -8.10
CA LEU A 168 7.06 18.40 -8.47
C LEU A 168 8.52 18.13 -8.10
N ASP A 169 8.80 17.59 -6.90
CA ASP A 169 10.19 17.36 -6.54
C ASP A 169 10.88 16.39 -7.52
N ASP A 170 10.16 15.37 -8.00
CA ASP A 170 10.75 14.41 -8.94
C ASP A 170 11.12 15.08 -10.27
N VAL A 171 10.34 16.08 -10.67
CA VAL A 171 10.65 16.86 -11.86
C VAL A 171 11.90 17.70 -11.57
N ARG A 172 11.90 18.41 -10.44
CA ARG A 172 13.03 19.27 -10.09
C ARG A 172 14.33 18.45 -9.98
N ASN A 173 14.22 17.27 -9.38
CA ASN A 173 15.38 16.41 -9.09
C ASN A 173 15.74 15.53 -10.29
N ARG A 174 14.88 15.50 -11.32
CA ARG A 174 15.04 14.60 -12.48
C ARG A 174 15.24 13.17 -11.98
N PHE A 175 14.25 12.71 -11.21
CA PHE A 175 14.29 11.45 -10.52
C PHE A 175 14.57 10.30 -11.50
N LYS A 176 15.46 9.39 -11.07
CA LYS A 176 15.77 8.14 -11.76
C LYS A 176 16.37 7.18 -10.73
N LEU A 177 16.48 5.90 -11.09
CA LEU A 177 17.11 4.93 -10.21
C LEU A 177 18.59 5.23 -10.05
N PRO A 178 19.18 4.95 -8.86
CA PRO A 178 20.63 4.87 -8.71
C PRO A 178 21.23 3.87 -9.70
N PRO A 179 22.52 4.05 -10.08
CA PRO A 179 23.11 3.31 -11.20
C PRO A 179 23.11 1.77 -11.08
N GLN A 180 23.13 1.25 -9.85
CA GLN A 180 23.28 -0.19 -9.63
C GLN A 180 21.92 -0.91 -9.60
N LEU A 181 20.81 -0.17 -9.70
CA LEU A 181 19.48 -0.76 -9.47
C LEU A 181 18.65 -0.79 -10.76
N ARG A 182 17.69 -1.72 -10.77
CA ARG A 182 16.76 -1.89 -11.88
C ARG A 182 15.40 -2.32 -11.33
N MET A 183 14.35 -2.12 -12.13
CA MET A 183 13.09 -2.81 -11.91
C MET A 183 13.27 -4.25 -12.39
N LYS A 184 13.41 -5.16 -11.43
CA LYS A 184 13.99 -6.49 -11.66
C LYS A 184 12.97 -7.51 -12.21
N ASN A 185 11.72 -7.11 -12.43
CA ASN A 185 10.75 -8.00 -13.06
C ASN A 185 10.82 -7.96 -14.59
N PHE A 186 11.72 -7.14 -15.15
CA PHE A 186 11.78 -6.89 -16.59
C PHE A 186 13.21 -7.08 -17.11
N GLU A 187 13.32 -7.41 -18.40
CA GLU A 187 14.56 -7.81 -19.03
C GLU A 187 15.18 -6.64 -19.82
N THR A 188 14.34 -5.88 -20.53
CA THR A 188 14.82 -4.86 -21.48
C THR A 188 15.20 -3.58 -20.73
N SER A 189 16.06 -2.76 -21.36
CA SER A 189 16.56 -1.52 -20.76
CA SER A 189 16.55 -1.53 -20.74
C SER A 189 15.39 -0.58 -20.43
N THR A 190 14.43 -0.49 -21.35
CA THR A 190 13.28 0.40 -21.18
C THR A 190 12.44 -0.07 -19.99
N LEU A 191 11.99 -1.32 -20.03
CA LEU A 191 11.04 -1.81 -19.05
C LEU A 191 11.68 -1.97 -17.67
N SER A 192 13.01 -2.13 -17.60
CA SER A 192 13.72 -2.25 -16.31
C SER A 192 14.04 -0.88 -15.71
N PHE A 193 13.64 0.21 -16.39
CA PHE A 193 13.87 1.58 -15.93
C PHE A 193 15.38 1.83 -15.71
N SER A 194 16.21 1.37 -16.65
CA SER A 194 17.67 1.59 -16.55
C SER A 194 17.94 3.09 -16.47
N PRO A 195 18.73 3.57 -15.49
CA PRO A 195 19.08 4.99 -15.42
C PRO A 195 20.07 5.43 -16.52
N GLU A 196 20.52 4.47 -17.35
CA GLU A 196 21.37 4.74 -18.51
C GLU A 196 20.51 4.98 -19.77
N GLU A 197 19.18 4.80 -19.65
CA GLU A 197 18.24 4.90 -20.77
C GLU A 197 17.67 6.32 -20.82
N ASN A 198 17.23 6.74 -22.01
CA ASN A 198 16.67 8.08 -22.23
C ASN A 198 15.22 8.11 -21.72
N PHE A 199 15.01 8.74 -20.57
CA PHE A 199 13.67 8.99 -20.01
C PHE A 199 13.40 10.49 -19.89
N GLY A 200 13.93 11.27 -20.84
CA GLY A 200 13.61 12.69 -20.96
C GLY A 200 14.30 13.55 -19.91
N ASP A 201 13.83 14.80 -19.80
CA ASP A 201 14.50 15.85 -19.03
C ASP A 201 13.73 16.22 -17.76
N ASP A 202 12.62 15.53 -17.47
CA ASP A 202 11.77 15.84 -16.30
C ASP A 202 11.86 14.64 -15.34
N SER A 203 10.75 14.19 -14.77
CA SER A 203 10.81 12.98 -13.95
C SER A 203 11.05 11.77 -14.85
N GLY A 204 12.09 10.99 -14.56
CA GLY A 204 12.35 9.78 -15.32
C GLY A 204 11.19 8.81 -15.21
N LEU A 205 10.56 8.74 -14.03
CA LEU A 205 9.50 7.76 -13.82
C LEU A 205 8.25 8.14 -14.60
N ALA A 206 7.94 9.44 -14.69
CA ALA A 206 6.78 9.85 -15.48
C ALA A 206 6.97 9.42 -16.94
N ALA A 207 8.19 9.59 -17.46
CA ALA A 207 8.49 9.19 -18.85
C ALA A 207 8.42 7.67 -18.99
N TYR A 208 8.92 6.94 -17.99
CA TYR A 208 8.84 5.47 -17.98
C TYR A 208 7.39 5.03 -18.13
N VAL A 209 6.50 5.63 -17.33
CA VAL A 209 5.09 5.25 -17.37
C VAL A 209 4.50 5.55 -18.75
N ALA A 210 4.81 6.73 -19.30
CA ALA A 210 4.27 7.12 -20.60
C ALA A 210 4.69 6.11 -21.68
N LYS A 211 5.91 5.57 -21.57
CA LYS A 211 6.44 4.61 -22.54
C LYS A 211 5.86 3.20 -22.33
N ALA A 212 5.66 2.80 -21.07
CA ALA A 212 5.48 1.38 -20.71
C ALA A 212 4.02 1.03 -20.36
N ILE A 213 3.32 1.94 -19.69
CA ILE A 213 2.03 1.65 -19.07
C ILE A 213 0.91 2.13 -20.00
N ASP A 214 -0.17 1.33 -20.09
CA ASP A 214 -1.21 1.55 -21.11
C ASP A 214 -2.27 2.53 -20.63
N PRO A 215 -2.36 3.76 -21.19
CA PRO A 215 -3.37 4.72 -20.75
C PRO A 215 -4.78 4.41 -21.28
N SER A 216 -4.89 3.42 -22.18
CA SER A 216 -6.17 3.07 -22.77
C SER A 216 -6.98 2.09 -21.92
N ILE A 217 -6.45 1.66 -20.76
CA ILE A 217 -7.12 0.53 -20.16
C ILE A 217 -8.50 0.95 -19.65
N SER A 218 -9.40 -0.02 -19.72
CA SER A 218 -10.79 0.16 -19.47
C SER A 218 -11.30 -1.06 -18.70
N TRP A 219 -12.61 -1.05 -18.44
CA TRP A 219 -13.25 -2.19 -17.84
C TRP A 219 -13.08 -3.46 -18.69
N GLU A 220 -12.89 -3.30 -20.01
CA GLU A 220 -12.64 -4.45 -20.88
C GLU A 220 -11.32 -5.14 -20.50
N ASP A 221 -10.33 -4.38 -20.05
CA ASP A 221 -9.04 -4.93 -19.63
C ASP A 221 -9.19 -5.63 -18.27
N ILE A 222 -10.11 -5.15 -17.43
CA ILE A 222 -10.47 -5.86 -16.20
C ILE A 222 -11.09 -7.22 -16.52
N LYS A 223 -11.96 -7.25 -17.54
CA LYS A 223 -12.56 -8.51 -18.00
C LYS A 223 -11.46 -9.48 -18.43
N TRP A 224 -10.48 -8.98 -19.19
CA TRP A 224 -9.34 -9.77 -19.65
C TRP A 224 -8.57 -10.35 -18.45
N LEU A 225 -8.29 -9.52 -17.46
CA LEU A 225 -7.52 -9.95 -16.29
C LEU A 225 -8.30 -10.99 -15.48
N ARG A 226 -9.62 -10.77 -15.33
CA ARG A 226 -10.48 -11.69 -14.60
C ARG A 226 -10.48 -13.07 -15.26
N ARG A 227 -10.38 -13.12 -16.60
CA ARG A 227 -10.33 -14.38 -17.37
C ARG A 227 -8.94 -15.01 -17.30
N LEU A 228 -7.90 -14.18 -17.12
CA LEU A 228 -6.51 -14.62 -17.18
C LEU A 228 -6.15 -15.45 -15.94
N THR A 229 -6.63 -15.03 -14.77
CA THR A 229 -6.22 -15.66 -13.52
C THR A 229 -7.46 -15.98 -12.66
N SER A 230 -7.37 -17.09 -11.93
CA SER A 230 -8.38 -17.44 -10.92
C SER A 230 -7.98 -16.91 -9.54
N LEU A 231 -6.80 -16.28 -9.41
CA LEU A 231 -6.43 -15.64 -8.16
C LEU A 231 -7.47 -14.59 -7.79
N PRO A 232 -7.69 -14.33 -6.49
CA PRO A 232 -8.44 -13.14 -6.08
C PRO A 232 -7.82 -11.88 -6.70
N ILE A 233 -8.70 -10.98 -7.18
CA ILE A 233 -8.26 -9.70 -7.73
CA ILE A 233 -8.32 -9.70 -7.78
C ILE A 233 -8.94 -8.58 -6.96
N VAL A 234 -8.12 -7.61 -6.53
CA VAL A 234 -8.60 -6.41 -5.86
C VAL A 234 -8.35 -5.22 -6.77
N ALA A 235 -9.36 -4.37 -6.94
CA ALA A 235 -9.19 -3.11 -7.66
C ALA A 235 -8.61 -2.08 -6.70
N LYS A 236 -7.41 -1.58 -7.03
CA LYS A 236 -6.69 -0.64 -6.19
C LYS A 236 -6.75 0.76 -6.81
N GLY A 237 -7.32 1.71 -6.07
CA GLY A 237 -7.38 3.10 -6.49
C GLY A 237 -8.78 3.63 -6.75
N ILE A 238 -9.80 2.88 -6.35
CA ILE A 238 -11.19 3.29 -6.50
C ILE A 238 -11.54 4.35 -5.45
N LEU A 239 -12.23 5.42 -5.88
CA LEU A 239 -12.65 6.50 -4.99
C LEU A 239 -14.15 6.82 -5.12
N ARG A 240 -14.86 6.19 -6.05
CA ARG A 240 -16.28 6.43 -6.28
C ARG A 240 -17.09 5.14 -6.04
N GLY A 241 -18.27 5.31 -5.44
CA GLY A 241 -19.19 4.21 -5.24
C GLY A 241 -19.62 3.53 -6.54
N ASP A 242 -19.87 4.32 -7.59
CA ASP A 242 -20.30 3.72 -8.87
C ASP A 242 -19.20 2.82 -9.43
N ASP A 243 -17.94 3.26 -9.37
CA ASP A 243 -16.82 2.42 -9.81
C ASP A 243 -16.70 1.16 -8.94
N ALA A 244 -16.93 1.30 -7.63
CA ALA A 244 -16.88 0.15 -6.75
C ALA A 244 -17.92 -0.89 -7.14
N ARG A 245 -19.14 -0.43 -7.46
CA ARG A 245 -20.19 -1.33 -7.90
C ARG A 245 -19.80 -2.02 -9.21
N GLU A 246 -19.14 -1.29 -10.12
CA GLU A 246 -18.70 -1.87 -11.38
C GLU A 246 -17.65 -2.96 -11.13
N ALA A 247 -16.74 -2.73 -10.18
CA ALA A 247 -15.72 -3.73 -9.86
C ALA A 247 -16.38 -5.03 -9.38
N VAL A 248 -17.41 -4.91 -8.54
CA VAL A 248 -18.15 -6.07 -8.07
C VAL A 248 -18.80 -6.79 -9.26
N LYS A 249 -19.41 -6.02 -10.17
CA LYS A 249 -20.11 -6.58 -11.34
C LYS A 249 -19.15 -7.34 -12.26
N HIS A 250 -17.87 -6.94 -12.28
CA HIS A 250 -16.82 -7.58 -13.10
C HIS A 250 -16.21 -8.81 -12.41
N GLY A 251 -16.74 -9.20 -11.25
CA GLY A 251 -16.31 -10.42 -10.58
C GLY A 251 -15.01 -10.26 -9.80
N LEU A 252 -14.64 -9.02 -9.46
CA LEU A 252 -13.46 -8.81 -8.63
C LEU A 252 -13.81 -9.14 -7.17
N ASN A 253 -12.78 -9.30 -6.35
CA ASN A 253 -12.91 -9.89 -5.02
C ASN A 253 -12.63 -8.90 -3.90
N GLY A 254 -12.35 -7.63 -4.23
CA GLY A 254 -12.09 -6.63 -3.22
C GLY A 254 -11.88 -5.29 -3.86
N ILE A 255 -11.97 -4.25 -3.02
CA ILE A 255 -11.62 -2.91 -3.43
CA ILE A 255 -11.73 -2.85 -3.37
C ILE A 255 -10.67 -2.33 -2.39
N LEU A 256 -9.56 -1.77 -2.89
CA LEU A 256 -8.63 -1.03 -2.05
C LEU A 256 -8.89 0.45 -2.35
N VAL A 257 -9.57 1.08 -1.39
CA VAL A 257 -9.86 2.49 -1.40
C VAL A 257 -8.53 3.21 -1.19
N SER A 258 -8.11 3.93 -2.23
CA SER A 258 -6.77 4.44 -2.32
C SER A 258 -6.77 5.64 -3.25
N ASN A 259 -6.01 6.67 -2.88
CA ASN A 259 -5.69 7.76 -3.79
C ASN A 259 -4.20 7.69 -4.13
N HIS A 260 -3.62 6.48 -4.05
CA HIS A 260 -2.23 6.24 -4.46
C HIS A 260 -1.28 7.07 -3.60
N GLY A 261 -1.56 7.12 -2.29
CA GLY A 261 -0.73 7.91 -1.38
C GLY A 261 -0.70 9.38 -1.75
N ALA A 262 -1.79 9.84 -2.38
CA ALA A 262 -1.95 11.24 -2.81
C ALA A 262 -0.92 11.62 -3.89
N ARG A 263 -0.50 10.65 -4.71
CA ARG A 263 0.57 10.84 -5.69
C ARG A 263 0.04 10.93 -7.13
N GLN A 264 -1.28 10.80 -7.34
CA GLN A 264 -1.85 10.77 -8.69
C GLN A 264 -2.61 12.08 -8.93
N LEU A 265 -3.94 12.07 -8.79
CA LEU A 265 -4.72 13.30 -8.96
C LEU A 265 -4.78 14.03 -7.61
N ASP A 266 -4.26 15.26 -7.57
CA ASP A 266 -4.35 16.03 -6.35
C ASP A 266 -5.71 16.71 -6.27
N GLY A 267 -6.23 16.81 -5.04
CA GLY A 267 -7.53 17.41 -4.80
C GLY A 267 -8.66 16.40 -4.72
N VAL A 268 -8.33 15.10 -4.78
CA VAL A 268 -9.31 14.07 -4.44
C VAL A 268 -9.45 14.03 -2.92
N PRO A 269 -10.56 13.49 -2.39
CA PRO A 269 -10.71 13.41 -0.94
C PRO A 269 -9.72 12.44 -0.30
N ALA A 270 -9.57 12.58 1.01
CA ALA A 270 -8.86 11.61 1.83
C ALA A 270 -9.56 10.26 1.73
N THR A 271 -8.77 9.19 1.78
CA THR A 271 -9.35 7.85 1.69
C THR A 271 -10.29 7.55 2.87
N ILE A 272 -9.96 8.03 4.08
CA ILE A 272 -10.83 7.72 5.23
C ILE A 272 -12.20 8.38 5.03
N ASP A 273 -12.25 9.50 4.29
CA ASP A 273 -13.51 10.20 4.07
C ASP A 273 -14.37 9.51 2.99
N VAL A 274 -13.76 8.89 1.98
CA VAL A 274 -14.58 8.21 0.95
C VAL A 274 -14.87 6.76 1.36
N LEU A 275 -14.12 6.20 2.30
CA LEU A 275 -14.33 4.80 2.69
C LEU A 275 -15.80 4.49 2.99
N PRO A 276 -16.54 5.29 3.79
CA PRO A 276 -17.94 4.94 4.09
C PRO A 276 -18.80 4.77 2.83
N GLU A 277 -18.65 5.66 1.83
CA GLU A 277 -19.43 5.58 0.60
CA GLU A 277 -19.44 5.59 0.57
C GLU A 277 -19.16 4.25 -0.11
N ILE A 278 -17.89 3.85 -0.13
CA ILE A 278 -17.51 2.63 -0.85
C ILE A 278 -18.03 1.40 -0.10
N VAL A 279 -17.87 1.37 1.22
CA VAL A 279 -18.40 0.27 2.03
C VAL A 279 -19.91 0.14 1.77
N GLU A 280 -20.64 1.26 1.78
CA GLU A 280 -22.08 1.22 1.55
C GLU A 280 -22.38 0.68 0.14
N ALA A 281 -21.63 1.15 -0.86
CA ALA A 281 -21.91 0.83 -2.26
C ALA A 281 -21.76 -0.67 -2.54
N VAL A 282 -20.80 -1.35 -1.89
CA VAL A 282 -20.55 -2.76 -2.28
C VAL A 282 -21.45 -3.74 -1.50
N GLU A 283 -22.16 -3.26 -0.47
CA GLU A 283 -23.22 -4.08 0.17
C GLU A 283 -22.66 -5.42 0.67
N GLY A 284 -21.43 -5.42 1.19
CA GLY A 284 -20.84 -6.61 1.79
C GLY A 284 -20.41 -7.67 0.78
N LYS A 285 -20.46 -7.37 -0.52
CA LYS A 285 -20.23 -8.39 -1.55
C LYS A 285 -18.74 -8.72 -1.71
N VAL A 286 -17.87 -7.75 -1.40
CA VAL A 286 -16.43 -7.93 -1.41
C VAL A 286 -15.84 -7.19 -0.20
N GLU A 287 -14.65 -7.61 0.22
CA GLU A 287 -13.89 -6.89 1.22
C GLU A 287 -13.44 -5.54 0.68
N VAL A 288 -13.43 -4.55 1.57
CA VAL A 288 -12.96 -3.22 1.27
C VAL A 288 -11.77 -2.92 2.18
N PHE A 289 -10.67 -2.44 1.58
CA PHE A 289 -9.45 -2.09 2.29
C PHE A 289 -9.21 -0.60 2.13
N LEU A 290 -8.30 -0.06 2.94
CA LEU A 290 -7.92 1.35 2.83
C LEU A 290 -6.40 1.47 2.88
N ASP A 291 -5.88 2.45 2.13
CA ASP A 291 -4.55 2.96 2.37
C ASP A 291 -4.59 4.49 2.22
N GLY A 292 -3.51 5.14 2.63
CA GLY A 292 -3.37 6.58 2.53
C GLY A 292 -3.45 7.25 3.88
N GLY A 293 -2.29 7.62 4.41
CA GLY A 293 -2.23 8.40 5.64
C GLY A 293 -2.21 7.60 6.93
N VAL A 294 -2.12 6.26 6.87
CA VAL A 294 -2.10 5.47 8.10
C VAL A 294 -0.71 5.59 8.72
N ARG A 295 -0.67 6.15 9.94
CA ARG A 295 0.57 6.40 10.64
C ARG A 295 0.51 5.93 12.10
N LYS A 296 -0.70 5.69 12.63
CA LYS A 296 -0.91 5.48 14.05
C LYS A 296 -1.95 4.38 14.25
N GLY A 297 -1.90 3.75 15.41
CA GLY A 297 -2.90 2.73 15.77
C GLY A 297 -4.33 3.22 15.70
N THR A 298 -4.58 4.47 16.10
CA THR A 298 -5.95 5.01 16.05
C THR A 298 -6.44 5.17 14.61
N ASP A 299 -5.53 5.35 13.65
CA ASP A 299 -5.93 5.41 12.24
C ASP A 299 -6.52 4.07 11.81
N VAL A 300 -5.84 2.99 12.21
CA VAL A 300 -6.27 1.64 11.90
C VAL A 300 -7.65 1.40 12.50
N LEU A 301 -7.81 1.79 13.76
CA LEU A 301 -9.09 1.59 14.46
C LEU A 301 -10.22 2.32 13.73
N LYS A 302 -9.98 3.57 13.34
CA LYS A 302 -10.99 4.37 12.65
C LYS A 302 -11.39 3.73 11.31
N ALA A 303 -10.40 3.24 10.56
CA ALA A 303 -10.68 2.61 9.28
C ALA A 303 -11.55 1.37 9.47
N LEU A 304 -11.22 0.53 10.46
CA LEU A 304 -12.01 -0.67 10.70
C LEU A 304 -13.42 -0.30 11.19
N ALA A 305 -13.54 0.75 12.02
CA ALA A 305 -14.85 1.17 12.51
C ALA A 305 -15.76 1.57 11.33
N LEU A 306 -15.16 2.15 10.29
CA LEU A 306 -15.90 2.61 9.10
C LEU A 306 -16.04 1.50 8.04
N GLY A 307 -15.57 0.29 8.35
CA GLY A 307 -15.92 -0.89 7.56
C GLY A 307 -14.80 -1.46 6.72
N ALA A 308 -13.58 -0.93 6.80
CA ALA A 308 -12.43 -1.56 6.14
C ALA A 308 -12.12 -2.89 6.86
N LYS A 309 -11.75 -3.91 6.07
CA LYS A 309 -11.31 -5.19 6.62
C LYS A 309 -9.88 -5.09 7.17
N ALA A 310 -9.06 -4.30 6.48
CA ALA A 310 -7.66 -4.13 6.82
C ALA A 310 -7.18 -2.85 6.14
N VAL A 311 -6.03 -2.36 6.61
CA VAL A 311 -5.36 -1.22 5.99
C VAL A 311 -3.98 -1.65 5.51
N PHE A 312 -3.51 -0.89 4.54
CA PHE A 312 -2.18 -1.02 4.01
C PHE A 312 -1.39 0.24 4.32
N VAL A 313 -0.10 0.06 4.59
CA VAL A 313 0.82 1.16 4.83
C VAL A 313 1.89 1.16 3.75
N GLY A 314 2.16 2.38 3.26
CA GLY A 314 3.14 2.61 2.21
C GLY A 314 4.42 3.19 2.78
N ARG A 315 4.46 4.51 2.89
CA ARG A 315 5.68 5.21 3.26
C ARG A 315 6.28 4.71 4.56
N PRO A 316 5.52 4.40 5.63
CA PRO A 316 6.17 3.98 6.88
C PRO A 316 7.15 2.81 6.70
N ILE A 317 6.85 1.91 5.76
CA ILE A 317 7.69 0.76 5.53
C ILE A 317 9.04 1.19 4.95
N VAL A 318 9.00 2.14 4.01
CA VAL A 318 10.27 2.58 3.42
CA VAL A 318 10.21 2.69 3.40
C VAL A 318 11.08 3.36 4.48
N TRP A 319 10.43 4.07 5.41
CA TRP A 319 11.21 4.70 6.47
C TRP A 319 11.85 3.64 7.37
N GLY A 320 11.13 2.54 7.63
CA GLY A 320 11.73 1.43 8.37
C GLY A 320 12.97 0.89 7.68
N LEU A 321 12.87 0.66 6.36
CA LEU A 321 14.04 0.21 5.58
C LEU A 321 15.20 1.18 5.74
N ALA A 322 14.90 2.48 5.60
CA ALA A 322 15.96 3.51 5.62
C ALA A 322 16.71 3.48 6.96
N PHE A 323 16.00 3.16 8.05
CA PHE A 323 16.62 3.06 9.37
C PHE A 323 17.53 1.81 9.45
N GLN A 324 16.98 0.63 9.17
CA GLN A 324 17.77 -0.61 9.40
C GLN A 324 17.21 -1.82 8.67
N GLY A 325 16.82 -1.65 7.40
CA GLY A 325 16.46 -2.79 6.59
C GLY A 325 15.35 -3.60 7.25
N GLU A 326 15.54 -4.92 7.29
CA GLU A 326 14.53 -5.84 7.80
C GLU A 326 14.14 -5.46 9.24
N LYS A 327 15.13 -5.20 10.08
CA LYS A 327 14.87 -4.88 11.47
C LYS A 327 14.04 -3.60 11.57
N GLY A 328 14.33 -2.62 10.71
CA GLY A 328 13.60 -1.37 10.70
C GLY A 328 12.15 -1.55 10.30
N VAL A 329 11.91 -2.38 9.27
CA VAL A 329 10.53 -2.66 8.87
C VAL A 329 9.80 -3.39 10.02
N GLN A 330 10.49 -4.35 10.64
N GLN A 330 10.49 -4.33 10.67
CA GLN A 330 9.95 -5.07 11.78
CA GLN A 330 9.87 -5.07 11.75
C GLN A 330 9.52 -4.06 12.84
C GLN A 330 9.54 -4.10 12.90
N ASP A 331 10.41 -3.12 13.15
CA ASP A 331 10.16 -2.09 14.17
C ASP A 331 8.89 -1.30 13.85
N VAL A 332 8.78 -0.84 12.60
CA VAL A 332 7.63 -0.01 12.20
C VAL A 332 6.33 -0.83 12.33
N LEU A 333 6.35 -2.07 11.86
CA LEU A 333 5.16 -2.91 11.96
C LEU A 333 4.82 -3.21 13.42
N GLU A 334 5.83 -3.42 14.28
CA GLU A 334 5.57 -3.68 15.68
C GLU A 334 5.02 -2.43 16.38
N ILE A 335 5.49 -1.24 16.01
CA ILE A 335 4.96 -0.01 16.59
C ILE A 335 3.48 0.11 16.20
N LEU A 336 3.17 -0.09 14.92
CA LEU A 336 1.78 0.01 14.48
C LEU A 336 0.93 -1.05 15.20
N LYS A 337 1.44 -2.27 15.32
CA LYS A 337 0.70 -3.33 16.01
C LYS A 337 0.39 -2.93 17.45
N GLU A 338 1.40 -2.45 18.18
CA GLU A 338 1.24 -2.12 19.58
C GLU A 338 0.32 -0.89 19.74
N GLU A 339 0.48 0.11 18.88
CA GLU A 339 -0.42 1.26 18.96
C GLU A 339 -1.86 0.83 18.69
N PHE A 340 -2.05 -0.07 17.72
CA PHE A 340 -3.39 -0.56 17.41
C PHE A 340 -3.96 -1.36 18.59
N ARG A 341 -3.14 -2.23 19.18
CA ARG A 341 -3.58 -3.00 20.36
C ARG A 341 -4.04 -2.05 21.47
N LEU A 342 -3.22 -1.02 21.75
CA LEU A 342 -3.58 -0.09 22.82
C LEU A 342 -4.87 0.66 22.48
N ALA A 343 -5.01 1.10 21.23
CA ALA A 343 -6.20 1.83 20.82
C ALA A 343 -7.45 0.95 20.97
N MET A 344 -7.34 -0.32 20.55
CA MET A 344 -8.42 -1.28 20.73
CA MET A 344 -8.40 -1.29 20.73
C MET A 344 -8.77 -1.40 22.22
N ALA A 345 -7.76 -1.61 23.05
CA ALA A 345 -7.99 -1.84 24.47
C ALA A 345 -8.66 -0.62 25.11
N LEU A 346 -8.15 0.58 24.81
CA LEU A 346 -8.67 1.78 25.44
C LEU A 346 -10.08 2.11 24.94
N SER A 347 -10.47 1.58 23.77
CA SER A 347 -11.80 1.84 23.23
CA SER A 347 -11.78 1.78 23.14
C SER A 347 -12.78 0.72 23.58
N GLY A 348 -12.33 -0.32 24.30
CA GLY A 348 -13.19 -1.41 24.78
C GLY A 348 -13.37 -2.56 23.81
N CYS A 349 -12.44 -2.73 22.86
CA CYS A 349 -12.54 -3.76 21.83
C CYS A 349 -11.57 -4.90 22.11
N GLN A 350 -12.10 -6.10 22.32
CA GLN A 350 -11.30 -7.28 22.63
C GLN A 350 -10.74 -7.92 21.34
N ASN A 351 -11.38 -7.66 20.21
CA ASN A 351 -11.02 -8.29 18.95
C ASN A 351 -11.57 -7.41 17.83
N VAL A 352 -11.21 -7.73 16.58
CA VAL A 352 -11.56 -6.84 15.47
C VAL A 352 -13.04 -6.96 15.11
N LYS A 353 -13.69 -8.04 15.54
CA LYS A 353 -15.07 -8.31 15.17
C LYS A 353 -16.04 -7.35 15.88
N VAL A 354 -15.60 -6.76 16.99
CA VAL A 354 -16.50 -5.91 17.78
C VAL A 354 -16.24 -4.42 17.52
N ILE A 355 -15.33 -4.10 16.60
CA ILE A 355 -15.06 -2.71 16.20
C ILE A 355 -16.20 -2.26 15.29
N ASP A 356 -17.07 -1.39 15.83
CA ASP A 356 -18.34 -1.03 15.21
C ASP A 356 -18.35 0.47 14.83
N LYS A 357 -19.34 0.86 14.01
CA LYS A 357 -19.49 2.23 13.51
C LYS A 357 -19.78 3.21 14.65
N THR A 358 -20.30 2.75 15.79
CA THR A 358 -20.63 3.66 16.89
CA THR A 358 -20.63 3.67 16.91
C THR A 358 -19.35 4.18 17.58
N LEU A 359 -18.21 3.55 17.28
CA LEU A 359 -16.95 4.00 17.84
C LEU A 359 -16.52 5.35 17.26
N VAL A 360 -17.06 5.77 16.11
CA VAL A 360 -16.55 6.99 15.47
C VAL A 360 -17.69 7.93 15.10
N ARG A 361 -17.37 9.23 15.07
CA ARG A 361 -18.27 10.27 14.59
C ARG A 361 -17.41 11.38 13.99
N LYS A 362 -17.80 11.92 12.83
CA LYS A 362 -17.01 12.99 12.21
C LYS A 362 -17.51 14.34 12.71
C1 EDO B . 1.67 16.69 4.10
O1 EDO B . 3.04 16.96 3.78
C2 EDO B . 1.56 15.38 4.88
O2 EDO B . 2.29 15.44 6.11
C1 EDO C . -16.68 -10.80 1.29
O1 EDO C . -17.31 -9.52 1.17
C2 EDO C . -17.53 -11.85 0.60
O2 EDO C . -18.83 -12.00 1.20
O4 PG4 D . 6.11 11.07 4.56
C7 PG4 D . 5.32 9.97 4.98
C8 PG4 D . 5.32 9.53 6.43
O5 PG4 D . 5.05 8.13 6.64
C1 EDO E . 2.19 8.77 16.93
O1 EDO E . 3.01 9.94 16.97
C2 EDO E . 1.98 8.01 18.24
O2 EDO E . 0.72 7.38 18.06
C1 EDO F . -18.76 -5.66 29.89
O1 EDO F . -17.49 -6.30 30.03
C2 EDO F . -19.56 -5.80 31.18
O2 EDO F . -19.33 -7.05 31.84
N1 FMN G . 1.13 1.88 -5.76
C2 FMN G . 1.17 0.94 -6.71
O2 FMN G . 0.10 0.43 -7.09
N3 FMN G . 2.33 0.54 -7.27
C4 FMN G . 3.51 1.06 -6.94
O4 FMN G . 4.58 0.71 -7.47
C4A FMN G . 3.55 2.09 -5.92
N5 FMN G . 4.70 2.68 -5.53
C5A FMN G . 4.70 3.61 -4.54
C6 FMN G . 5.89 4.19 -4.12
C7 FMN G . 5.88 5.12 -3.10
C7M FMN G . 7.18 5.72 -2.66
C8 FMN G . 4.61 5.51 -2.46
C8M FMN G . 4.62 6.51 -1.35
C9 FMN G . 3.44 4.93 -2.88
C9A FMN G . 3.42 4.00 -3.91
N10 FMN G . 2.22 3.41 -4.35
C10 FMN G . 2.26 2.45 -5.34
C1' FMN G . 0.96 3.71 -3.67
C2' FMN G . 0.95 2.80 -2.42
O2' FMN G . 0.65 1.44 -2.79
C3' FMN G . -0.11 3.22 -1.41
O3' FMN G . -1.35 3.47 -2.10
C4' FMN G . 0.29 4.46 -0.61
O4' FMN G . 1.68 4.44 -0.28
C5' FMN G . -0.53 4.55 0.66
O5' FMN G . -0.32 5.76 1.37
P FMN G . 0.78 5.97 2.54
O1P FMN G . 0.72 4.82 3.51
O2P FMN G . 2.14 6.10 1.89
O3P FMN G . 0.27 7.26 3.15
C GOA H . 4.62 5.52 -7.47
CA GOA H . 4.56 4.12 -7.94
O GOA H . 3.59 6.05 -6.96
OXT GOA H . 5.74 6.00 -7.67
O2 GOA H . 3.25 3.80 -8.44
#